data_1NJR
#
_entry.id   1NJR
#
_cell.length_a   107.694
_cell.length_b   38.149
_cell.length_c   64.736
_cell.angle_alpha   90.00
_cell.angle_beta   112.21
_cell.angle_gamma   90.00
#
_symmetry.space_group_name_H-M   'C 1 2 1'
#
loop_
_entity.id
_entity.type
_entity.pdbx_description
1 polymer '32.1 kDa protein in ADH3-RCA1 intergenic region'
2 non-polymer Xylitol
3 water water
#
_entity_poly.entity_id   1
_entity_poly.type   'polypeptide(L)'
_entity_poly.pdbx_seq_one_letter_code
;(MSE)TGSLNRHSLLNGVKK(MSE)RIILCDTNEVVTNLWQESIPHAYIQNDKYLCIHHGHLQSL(MSE)DS(MSE)RKG
DAIHHGHSYAIVSPGNSYGYLGGGFDKALYNYFGGKPFETWFRNQLGGRYHTVGSATVVDLQRCLEEKTIECRDGIRYII
HVPTVVAPSAPIFNPQNPLKTGFEPVFNA(MSE)WNAL(MSE)HSPKDIDGLIIPGLCTGYAGVPPIISCKS(MSE)AFA
LRLY(MSE)AGDHISKELKNVLI(MSE)YYLQYPFEPFFPESCKIECQKLGIDIE(MSE)LKSFNVEKDAIELLIPRRIL
TLDL
;
_entity_poly.pdbx_strand_id   A
#
# COMPACT_ATOMS: atom_id res chain seq x y z
N LYS A 16 -12.34 -4.99 -10.73
CA LYS A 16 -11.68 -5.76 -11.84
C LYS A 16 -10.17 -5.50 -11.87
N ARG A 18 -6.35 -5.62 -10.88
CA ARG A 18 -5.49 -6.66 -10.38
C ARG A 18 -4.45 -6.07 -9.43
N ILE A 19 -4.20 -6.74 -8.31
CA ILE A 19 -3.21 -6.28 -7.34
C ILE A 19 -1.95 -7.11 -7.51
N ILE A 20 -0.85 -6.45 -7.85
CA ILE A 20 0.42 -7.11 -8.07
C ILE A 20 1.42 -6.71 -6.98
N LEU A 21 1.71 -7.65 -6.08
CA LEU A 21 2.64 -7.43 -4.98
C LEU A 21 4.02 -7.87 -5.43
N CYS A 22 4.99 -6.99 -5.35
CA CYS A 22 6.35 -7.28 -5.80
C CYS A 22 7.43 -6.88 -4.81
N ASP A 23 8.29 -7.84 -4.44
CA ASP A 23 9.38 -7.56 -3.52
C ASP A 23 10.53 -8.54 -3.75
N THR A 24 11.75 -8.05 -3.54
CA THR A 24 12.95 -8.87 -3.72
C THR A 24 13.20 -9.74 -2.50
N ASN A 25 12.56 -9.41 -1.38
CA ASN A 25 12.73 -10.16 -0.14
C ASN A 25 11.74 -11.30 -0.03
N GLU A 26 12.24 -12.53 -0.15
CA GLU A 26 11.40 -13.71 -0.08
C GLU A 26 10.63 -13.80 1.24
N VAL A 27 11.14 -13.13 2.28
CA VAL A 27 10.47 -13.13 3.57
C VAL A 27 9.13 -12.40 3.40
N VAL A 28 9.17 -11.29 2.68
CA VAL A 28 7.97 -10.52 2.43
C VAL A 28 6.99 -11.28 1.54
N THR A 29 7.47 -11.78 0.41
CA THR A 29 6.61 -12.51 -0.51
C THR A 29 5.97 -13.75 0.11
N ASN A 30 6.72 -14.47 0.95
CA ASN A 30 6.16 -15.65 1.59
C ASN A 30 5.02 -15.27 2.53
N LEU A 31 5.23 -14.21 3.30
CA LEU A 31 4.21 -13.74 4.23
C LEU A 31 2.96 -13.30 3.48
N TRP A 32 3.15 -12.68 2.32
CA TRP A 32 2.01 -12.24 1.51
C TRP A 32 1.15 -13.45 1.14
N GLN A 33 1.80 -14.49 0.60
CA GLN A 33 1.10 -15.71 0.22
C GLN A 33 0.28 -16.29 1.38
N GLU A 34 0.85 -16.25 2.58
CA GLU A 34 0.18 -16.77 3.78
C GLU A 34 -0.95 -15.89 4.29
N SER A 35 -0.87 -14.60 4.01
CA SER A 35 -1.87 -13.65 4.50
C SER A 35 -3.00 -13.26 3.55
N ILE A 36 -2.75 -13.35 2.25
CA ILE A 36 -3.77 -12.98 1.27
C ILE A 36 -4.74 -14.12 0.95
N PRO A 37 -6.04 -13.91 1.23
CA PRO A 37 -7.08 -14.92 0.97
C PRO A 37 -7.07 -15.43 -0.46
N LYS A 45 -4.72 -14.12 -11.31
CA LYS A 45 -6.07 -13.75 -10.92
C LYS A 45 -6.13 -12.34 -10.34
N TYR A 46 -7.04 -12.09 -9.42
CA TYR A 46 -7.19 -10.77 -8.81
C TYR A 46 -5.93 -10.33 -8.06
N LEU A 47 -5.06 -11.29 -7.75
CA LEU A 47 -3.83 -10.99 -7.05
C LEU A 47 -2.65 -11.81 -7.56
N CYS A 48 -1.51 -11.15 -7.67
CA CYS A 48 -0.29 -11.78 -8.13
C CYS A 48 0.83 -11.43 -7.17
N ILE A 49 1.67 -12.40 -6.86
CA ILE A 49 2.81 -12.17 -5.98
C ILE A 49 4.07 -12.53 -6.74
N HIS A 50 4.98 -11.57 -6.87
CA HIS A 50 6.22 -11.78 -7.59
C HIS A 50 7.46 -11.56 -6.72
N HIS A 51 8.32 -12.57 -6.67
CA HIS A 51 9.56 -12.48 -5.91
C HIS A 51 10.66 -12.09 -6.89
N GLY A 52 11.24 -10.92 -6.68
CA GLY A 52 12.30 -10.46 -7.57
C GLY A 52 12.26 -8.96 -7.73
N HIS A 53 13.08 -8.44 -8.63
CA HIS A 53 13.12 -7.01 -8.89
C HIS A 53 12.02 -6.61 -9.87
N LEU A 54 11.80 -5.30 -10.01
CA LEU A 54 10.79 -4.76 -10.91
C LEU A 54 11.01 -5.24 -12.35
N GLN A 55 12.26 -5.22 -12.80
CA GLN A 55 12.57 -5.65 -14.15
C GLN A 55 12.10 -7.08 -14.35
N SER A 56 12.32 -7.91 -13.34
CA SER A 56 11.92 -9.32 -13.38
C SER A 56 10.41 -9.46 -13.57
N LEU A 57 9.66 -8.58 -12.93
CA LEU A 57 8.20 -8.60 -13.03
C LEU A 57 7.75 -8.18 -14.43
N ASP A 59 9.54 -8.38 -17.13
CA ASP A 59 9.98 -9.39 -18.09
C ASP A 59 9.01 -10.56 -18.15
N SER A 60 8.43 -10.93 -17.02
CA SER A 60 7.50 -12.05 -16.97
C SER A 60 6.10 -11.70 -17.45
N ARG A 62 5.49 -9.67 -19.87
CA ARG A 62 5.57 -9.44 -21.30
C ARG A 62 5.08 -10.65 -22.11
N LYS A 63 5.39 -11.85 -21.64
CA LYS A 63 4.99 -13.06 -22.33
C LYS A 63 3.47 -13.22 -22.32
N GLY A 64 2.79 -12.34 -21.61
CA GLY A 64 1.33 -12.40 -21.54
C GLY A 64 0.70 -11.07 -21.86
N ASP A 65 1.53 -10.04 -22.03
CA ASP A 65 1.05 -8.71 -22.35
C ASP A 65 0.84 -8.59 -23.85
N ALA A 66 0.67 -9.75 -24.50
CA ALA A 66 0.46 -9.79 -25.94
C ALA A 66 -1.03 -9.81 -26.27
N HIS A 71 -2.85 -3.30 -21.96
CA HIS A 71 -2.91 -3.24 -20.51
C HIS A 71 -2.30 -1.96 -19.96
N SER A 72 -2.92 -1.43 -18.90
CA SER A 72 -2.47 -0.20 -18.25
C SER A 72 -2.18 -0.46 -16.79
N TYR A 73 -1.05 0.03 -16.30
CA TYR A 73 -0.70 -0.18 -14.90
C TYR A 73 -0.26 1.07 -14.15
N ALA A 74 -0.42 1.02 -12.84
CA ALA A 74 0.00 2.09 -11.97
C ALA A 74 1.00 1.42 -11.03
N ILE A 75 2.05 2.13 -10.65
CA ILE A 75 3.03 1.56 -9.73
C ILE A 75 3.15 2.49 -8.53
N VAL A 76 3.24 1.91 -7.35
CA VAL A 76 3.37 2.68 -6.12
C VAL A 76 4.83 2.99 -5.80
N SER A 77 5.12 4.27 -5.56
CA SER A 77 6.46 4.71 -5.21
C SER A 77 6.31 5.27 -3.79
N PRO A 78 6.63 4.46 -2.77
CA PRO A 78 6.53 4.84 -1.36
C PRO A 78 7.83 5.41 -0.81
N GLY A 79 8.33 6.47 -1.44
CA GLY A 79 9.58 7.06 -1.02
C GLY A 79 9.57 8.14 0.04
N ASN A 80 10.17 9.27 -0.30
CA ASN A 80 10.29 10.39 0.62
C ASN A 80 9.45 11.61 0.24
N SER A 81 9.38 12.57 1.16
CA SER A 81 8.60 13.78 0.95
C SER A 81 9.05 14.67 -0.19
N TYR A 82 10.22 14.40 -0.76
CA TYR A 82 10.74 15.24 -1.83
C TYR A 82 10.74 14.62 -3.23
N GLY A 83 10.41 13.34 -3.32
CA GLY A 83 10.35 12.70 -4.62
C GLY A 83 11.64 12.15 -5.16
N TYR A 84 12.72 12.18 -4.37
CA TYR A 84 13.98 11.62 -4.84
C TYR A 84 13.77 10.10 -4.92
N LEU A 85 14.35 9.47 -5.93
CA LEU A 85 14.20 8.03 -6.13
C LEU A 85 15.47 7.23 -5.87
N GLY A 86 15.66 6.84 -4.61
CA GLY A 86 16.83 6.07 -4.26
C GLY A 86 16.48 4.99 -3.26
N GLY A 87 17.45 4.14 -2.94
CA GLY A 87 17.19 3.10 -1.97
C GLY A 87 16.87 1.73 -2.55
N GLY A 88 15.66 1.25 -2.30
CA GLY A 88 15.27 -0.04 -2.79
C GLY A 88 14.42 -0.04 -4.04
N PHE A 89 13.12 -0.23 -3.84
CA PHE A 89 12.17 -0.28 -4.94
C PHE A 89 12.25 0.96 -5.82
N ASP A 90 12.34 2.14 -5.21
CA ASP A 90 12.41 3.37 -5.99
C ASP A 90 13.63 3.42 -6.90
N LYS A 91 14.75 2.88 -6.42
CA LYS A 91 15.97 2.88 -7.21
C LYS A 91 15.72 2.08 -8.48
N ALA A 92 14.87 1.06 -8.36
CA ALA A 92 14.49 0.21 -9.49
C ALA A 92 13.67 1.03 -10.48
N LEU A 93 12.75 1.85 -9.96
CA LEU A 93 11.93 2.70 -10.81
C LEU A 93 12.86 3.71 -11.47
N TYR A 94 13.78 4.23 -10.68
CA TYR A 94 14.77 5.20 -11.17
C TYR A 94 15.50 4.64 -12.39
N ASN A 95 16.03 3.42 -12.26
CA ASN A 95 16.76 2.81 -13.36
C ASN A 95 15.85 2.44 -14.53
N TYR A 96 14.66 1.95 -14.21
CA TYR A 96 13.70 1.53 -15.22
C TYR A 96 13.17 2.65 -16.13
N PHE A 97 12.94 3.82 -15.54
CA PHE A 97 12.39 4.93 -16.31
C PHE A 97 13.37 5.90 -16.94
N GLY A 98 14.67 5.76 -16.66
CA GLY A 98 15.62 6.67 -17.28
C GLY A 98 16.65 7.35 -16.42
N GLY A 99 16.72 7.02 -15.15
CA GLY A 99 17.71 7.64 -14.27
C GLY A 99 17.50 9.09 -13.90
N LYS A 100 18.60 9.81 -13.68
CA LYS A 100 18.58 11.21 -13.27
C LYS A 100 17.59 12.10 -14.03
N PRO A 101 17.64 12.09 -15.37
CA PRO A 101 16.72 12.92 -16.15
C PRO A 101 15.27 12.64 -15.79
N PHE A 102 14.96 11.38 -15.55
CA PHE A 102 13.60 11.01 -15.19
C PHE A 102 13.24 11.52 -13.79
N GLU A 103 14.16 11.37 -12.85
CA GLU A 103 13.94 11.81 -11.47
C GLU A 103 13.67 13.30 -11.44
N THR A 104 14.41 14.04 -12.24
CA THR A 104 14.26 15.48 -12.31
C THR A 104 12.87 15.83 -12.84
N TRP A 105 12.45 15.12 -13.88
CA TRP A 105 11.13 15.34 -14.47
C TRP A 105 10.05 14.98 -13.46
N PHE A 106 10.27 13.88 -12.75
CA PHE A 106 9.34 13.38 -11.74
C PHE A 106 9.15 14.40 -10.61
N ARG A 107 10.25 14.88 -10.04
CA ARG A 107 10.15 15.84 -8.95
C ARG A 107 9.43 17.11 -9.40
N ASN A 108 9.64 17.51 -10.65
CA ASN A 108 8.97 18.70 -11.18
C ASN A 108 7.47 18.47 -11.34
N GLN A 109 7.10 17.23 -11.64
CA GLN A 109 5.68 16.91 -11.78
C GLN A 109 5.04 16.98 -10.40
N LEU A 110 5.86 16.80 -9.37
CA LEU A 110 5.38 16.88 -8.00
C LEU A 110 5.44 18.32 -7.49
N GLY A 111 5.78 19.25 -8.38
CA GLY A 111 5.85 20.64 -7.99
C GLY A 111 7.16 21.05 -7.34
N GLY A 112 8.08 20.09 -7.22
CA GLY A 112 9.38 20.35 -6.62
C GLY A 112 9.33 20.83 -5.18
N ARG A 113 8.25 20.52 -4.47
CA ARG A 113 8.12 20.95 -3.09
C ARG A 113 7.92 19.80 -2.10
N TYR A 114 7.92 20.14 -0.83
CA TYR A 114 7.74 19.17 0.25
C TYR A 114 6.31 18.62 0.28
N HIS A 115 6.18 17.30 0.26
CA HIS A 115 4.88 16.61 0.33
C HIS A 115 4.86 15.85 1.65
N THR A 116 3.87 16.11 2.49
CA THR A 116 3.82 15.43 3.78
C THR A 116 3.52 13.93 3.71
N VAL A 117 4.07 13.20 4.67
CA VAL A 117 3.79 11.78 4.78
C VAL A 117 2.29 11.76 5.07
N GLY A 118 1.57 10.84 4.42
CA GLY A 118 0.14 10.78 4.61
C GLY A 118 -0.58 11.36 3.40
N SER A 119 0.17 11.93 2.47
CA SER A 119 -0.42 12.48 1.25
C SER A 119 -0.12 11.51 0.12
N ALA A 120 -0.74 11.72 -1.04
CA ALA A 120 -0.52 10.87 -2.20
C ALA A 120 -0.73 11.73 -3.45
N THR A 121 0.12 11.53 -4.43
CA THR A 121 0.05 12.28 -5.67
C THR A 121 0.21 11.34 -6.86
N VAL A 122 -0.72 11.40 -7.81
CA VAL A 122 -0.61 10.55 -8.99
C VAL A 122 0.14 11.30 -10.08
N VAL A 123 1.18 10.66 -10.65
CA VAL A 123 1.95 11.28 -11.73
C VAL A 123 1.66 10.49 -13.01
N ASP A 124 1.21 11.20 -14.05
CA ASP A 124 0.87 10.58 -15.34
C ASP A 124 2.09 10.54 -16.24
N LEU A 125 2.49 9.33 -16.63
CA LEU A 125 3.66 9.15 -17.48
C LEU A 125 3.30 9.33 -18.96
N GLN A 126 2.01 9.39 -19.27
CA GLN A 126 1.50 9.56 -20.63
C GLN A 126 2.26 10.68 -21.34
N ARG A 127 2.67 11.68 -20.58
CA ARG A 127 3.40 12.83 -21.11
C ARG A 127 4.67 12.42 -21.86
N CYS A 128 5.21 11.24 -21.55
CA CYS A 128 6.42 10.72 -22.20
C CYS A 128 6.23 10.66 -23.71
N LEU A 129 5.01 10.33 -24.13
CA LEU A 129 4.67 10.19 -25.55
C LEU A 129 4.74 11.53 -26.27
N GLU A 130 4.65 12.61 -25.52
CA GLU A 130 4.69 13.96 -26.07
C GLU A 130 6.12 14.49 -26.19
N GLU A 135 11.99 7.47 -23.15
CA GLU A 135 11.29 8.05 -22.01
C GLU A 135 10.08 7.18 -21.64
N CYS A 136 9.24 6.84 -22.61
CA CYS A 136 8.08 5.99 -22.35
C CYS A 136 8.59 4.61 -22.00
N ARG A 137 7.85 3.85 -21.19
CA ARG A 137 8.30 2.52 -20.84
C ARG A 137 7.18 1.53 -20.50
N ASP A 138 6.96 0.58 -21.40
CA ASP A 138 5.95 -0.45 -21.22
C ASP A 138 4.54 0.11 -21.00
N GLY A 139 3.69 -0.69 -20.37
CA GLY A 139 2.32 -0.27 -20.12
C GLY A 139 2.13 0.47 -18.80
N ILE A 140 3.22 0.84 -18.15
CA ILE A 140 3.13 1.57 -16.89
C ILE A 140 2.78 3.03 -17.18
N ARG A 141 1.56 3.42 -16.89
CA ARG A 141 1.16 4.79 -17.15
C ARG A 141 1.21 5.73 -15.96
N TYR A 142 1.02 5.21 -14.76
CA TYR A 142 1.01 6.07 -13.59
C TYR A 142 1.96 5.64 -12.48
N ILE A 143 2.44 6.63 -11.75
CA ILE A 143 3.27 6.38 -10.58
C ILE A 143 2.49 7.09 -9.48
N ILE A 144 2.15 6.36 -8.43
CA ILE A 144 1.43 6.96 -7.32
C ILE A 144 2.47 7.23 -6.25
N HIS A 145 2.77 8.51 -6.04
CA HIS A 145 3.76 8.93 -5.06
C HIS A 145 3.14 8.95 -3.68
N VAL A 146 3.61 8.07 -2.80
CA VAL A 146 3.08 7.96 -1.44
C VAL A 146 4.25 8.03 -0.47
N PRO A 147 4.69 9.25 -0.13
CA PRO A 147 5.83 9.39 0.79
C PRO A 147 5.64 8.71 2.13
N THR A 148 6.64 7.97 2.59
CA THR A 148 6.55 7.30 3.88
C THR A 148 7.54 7.85 4.91
N VAL A 149 8.48 8.67 4.43
CA VAL A 149 9.49 9.31 5.29
C VAL A 149 9.83 10.70 4.72
N VAL A 150 10.21 11.64 5.59
CA VAL A 150 10.59 12.98 5.12
C VAL A 150 11.86 12.82 4.29
N ALA A 151 12.83 12.10 4.86
CA ALA A 151 14.10 11.79 4.19
C ALA A 151 14.61 10.54 4.88
N PRO A 152 15.34 9.69 4.15
CA PRO A 152 15.87 8.45 4.73
C PRO A 152 17.09 8.62 5.63
N SER A 153 17.04 9.57 6.55
CA SER A 153 18.18 9.80 7.44
C SER A 153 18.21 8.80 8.60
N ALA A 154 17.15 8.01 8.73
CA ALA A 154 17.05 7.00 9.78
C ALA A 154 15.76 6.21 9.63
N PRO A 155 15.66 5.05 10.32
CA PRO A 155 14.45 4.21 10.25
C PRO A 155 13.26 4.94 10.86
N ILE A 156 12.05 4.58 10.42
CA ILE A 156 10.86 5.22 10.99
C ILE A 156 10.31 4.35 12.11
N PHE A 157 10.61 3.06 12.04
CA PHE A 157 10.14 2.09 13.02
C PHE A 157 10.83 2.18 14.37
N ASN A 158 10.05 1.95 15.42
CA ASN A 158 10.57 1.95 16.78
C ASN A 158 9.83 0.85 17.54
N PRO A 159 10.56 -0.19 17.97
CA PRO A 159 9.92 -1.29 18.70
C PRO A 159 9.12 -0.87 19.93
N GLN A 160 9.40 0.32 20.47
CA GLN A 160 8.68 0.82 21.64
C GLN A 160 7.21 1.10 21.31
N ASN A 161 6.93 1.50 20.08
CA ASN A 161 5.55 1.75 19.67
C ASN A 161 5.35 1.24 18.24
N PRO A 162 5.12 -0.07 18.09
CA PRO A 162 4.91 -0.72 16.79
C PRO A 162 3.71 -0.18 16.03
N LEU A 163 2.66 0.18 16.77
CA LEU A 163 1.44 0.72 16.17
C LEU A 163 1.68 2.03 15.42
N LYS A 164 2.15 3.03 16.16
CA LYS A 164 2.40 4.35 15.60
C LYS A 164 3.51 4.42 14.56
N THR A 165 4.51 3.56 14.69
CA THR A 165 5.64 3.61 13.77
C THR A 165 5.74 2.41 12.83
N GLY A 166 4.77 1.50 12.89
CA GLY A 166 4.80 0.34 12.04
C GLY A 166 3.47 0.01 11.39
N PHE A 167 2.53 -0.49 12.17
CA PHE A 167 1.23 -0.85 11.64
C PHE A 167 0.51 0.32 10.99
N GLU A 168 0.51 1.46 11.67
CA GLU A 168 -0.20 2.63 11.15
C GLU A 168 0.37 3.21 9.86
N PRO A 169 1.67 3.55 9.83
CA PRO A 169 2.23 4.11 8.59
C PRO A 169 2.10 3.21 7.36
N VAL A 170 2.23 1.90 7.55
CA VAL A 170 2.08 0.98 6.42
C VAL A 170 0.61 0.93 5.98
N PHE A 171 -0.32 0.85 6.93
CA PHE A 171 -1.73 0.83 6.56
C PHE A 171 -2.09 2.10 5.79
N ASN A 172 -1.66 3.25 6.31
CA ASN A 172 -1.97 4.52 5.65
C ASN A 172 -1.43 4.62 4.23
N ALA A 173 -0.22 4.11 4.03
CA ALA A 173 0.38 4.16 2.70
C ALA A 173 -0.37 3.25 1.74
N TRP A 175 -3.60 2.22 2.06
CA TRP A 175 -4.93 2.80 1.91
C TRP A 175 -4.86 3.95 0.89
N ASN A 176 -3.84 4.79 1.02
CA ASN A 176 -3.67 5.91 0.10
C ASN A 176 -3.44 5.42 -1.32
N ALA A 177 -2.61 4.39 -1.47
CA ALA A 177 -2.34 3.86 -2.79
C ALA A 177 -3.62 3.33 -3.44
N LEU A 178 -4.43 2.63 -2.65
CA LEU A 178 -5.67 2.07 -3.16
C LEU A 178 -6.68 3.15 -3.49
N HIS A 180 -6.17 6.23 -4.28
CA HIS A 180 -5.75 7.11 -5.37
C HIS A 180 -5.44 6.40 -6.69
N SER A 181 -5.67 5.09 -6.73
CA SER A 181 -5.42 4.32 -7.95
C SER A 181 -6.41 4.71 -9.02
N PRO A 182 -5.92 5.17 -10.20
CA PRO A 182 -6.83 5.55 -11.27
C PRO A 182 -7.74 4.38 -11.60
N LYS A 183 -9.01 4.67 -11.81
CA LYS A 183 -10.01 3.65 -12.12
C LYS A 183 -9.82 2.95 -13.46
N ASP A 184 -9.02 3.55 -14.34
CA ASP A 184 -8.79 2.99 -15.67
C ASP A 184 -7.69 1.93 -15.81
N ILE A 185 -6.93 1.68 -14.75
CA ILE A 185 -5.86 0.71 -14.85
C ILE A 185 -6.30 -0.74 -14.73
N ASP A 186 -5.47 -1.63 -15.25
CA ASP A 186 -5.72 -3.07 -15.21
C ASP A 186 -5.09 -3.65 -13.95
N GLY A 187 -3.97 -3.08 -13.54
CA GLY A 187 -3.29 -3.57 -12.35
C GLY A 187 -2.48 -2.54 -11.59
N LEU A 188 -2.31 -2.81 -10.31
CA LEU A 188 -1.58 -1.95 -9.41
C LEU A 188 -0.37 -2.69 -8.84
N ILE A 189 0.82 -2.18 -9.11
CA ILE A 189 2.07 -2.80 -8.64
C ILE A 189 2.49 -2.14 -7.32
N ILE A 190 2.65 -2.95 -6.27
CA ILE A 190 3.00 -2.46 -4.95
C ILE A 190 4.14 -3.27 -4.33
N PRO A 191 5.13 -2.60 -3.74
CA PRO A 191 6.27 -3.28 -3.10
C PRO A 191 6.01 -3.51 -1.61
N GLY A 192 6.97 -4.13 -0.92
CA GLY A 192 6.83 -4.39 0.51
C GLY A 192 7.03 -3.09 1.27
N LEU A 193 5.94 -2.36 1.44
CA LEU A 193 5.94 -1.06 2.10
C LEU A 193 6.71 -0.88 3.42
N CYS A 194 7.57 0.13 3.45
CA CYS A 194 8.36 0.51 4.62
C CYS A 194 9.30 -0.55 5.20
N THR A 195 9.61 -1.59 4.44
CA THR A 195 10.50 -2.63 4.95
C THR A 195 11.97 -2.41 4.63
N GLY A 196 12.27 -1.35 3.88
CA GLY A 196 13.64 -1.07 3.51
C GLY A 196 14.38 -0.35 4.62
N TYR A 197 14.87 0.85 4.31
CA TYR A 197 15.59 1.66 5.29
C TYR A 197 14.63 2.00 6.43
N ALA A 198 13.36 2.18 6.08
CA ALA A 198 12.32 2.53 7.04
C ALA A 198 12.37 1.60 8.25
N GLY A 199 12.74 0.35 8.02
CA GLY A 199 12.86 -0.61 9.11
C GLY A 199 11.63 -1.28 9.69
N VAL A 200 10.47 -1.17 9.05
CA VAL A 200 9.29 -1.84 9.61
C VAL A 200 9.46 -3.33 9.36
N PRO A 201 9.29 -4.15 10.40
CA PRO A 201 9.44 -5.60 10.21
C PRO A 201 8.45 -6.13 9.18
N PRO A 202 8.88 -7.06 8.32
CA PRO A 202 8.00 -7.62 7.30
C PRO A 202 6.69 -8.18 7.89
N ILE A 203 6.79 -8.83 9.05
CA ILE A 203 5.60 -9.40 9.68
C ILE A 203 4.56 -8.32 9.99
N ILE A 204 5.03 -7.13 10.36
CA ILE A 204 4.16 -6.00 10.66
C ILE A 204 3.64 -5.36 9.38
N SER A 205 4.54 -5.08 8.45
CA SER A 205 4.16 -4.47 7.19
C SER A 205 3.15 -5.30 6.42
N CYS A 206 3.41 -6.60 6.30
CA CYS A 206 2.51 -7.50 5.58
C CYS A 206 1.13 -7.61 6.20
N LYS A 207 1.04 -7.53 7.53
CA LYS A 207 -0.26 -7.61 8.19
C LYS A 207 -1.11 -6.38 7.87
N SER A 208 -0.51 -5.19 7.91
CA SER A 208 -1.26 -3.98 7.60
C SER A 208 -1.64 -3.95 6.12
N ALA A 210 -2.21 -6.54 4.32
CA ALA A 210 -3.28 -7.52 4.17
C ALA A 210 -4.61 -6.96 4.64
N PHE A 211 -4.61 -6.18 5.71
CA PHE A 211 -5.85 -5.61 6.23
C PHE A 211 -6.42 -4.60 5.24
N ALA A 212 -5.56 -3.75 4.69
CA ALA A 212 -6.00 -2.76 3.71
C ALA A 212 -6.60 -3.47 2.51
N LEU A 213 -5.94 -4.54 2.07
CA LEU A 213 -6.43 -5.30 0.91
C LEU A 213 -7.75 -6.00 1.19
N ARG A 214 -7.90 -6.53 2.41
CA ARG A 214 -9.13 -7.21 2.76
C ARG A 214 -10.28 -6.21 2.72
N LEU A 215 -10.05 -5.01 3.27
CA LEU A 215 -11.07 -3.95 3.27
C LEU A 215 -11.46 -3.61 1.85
N TYR A 216 -10.44 -3.45 1.00
CA TYR A 216 -10.65 -3.11 -0.40
C TYR A 216 -11.39 -4.21 -1.14
N ALA A 218 -13.37 -6.34 -0.03
CA ALA A 218 -14.70 -6.54 0.52
C ALA A 218 -15.71 -5.78 -0.33
N GLY A 219 -15.22 -4.77 -1.04
CA GLY A 219 -16.07 -3.98 -1.90
C GLY A 219 -17.23 -3.34 -1.19
N ASP A 220 -18.42 -3.46 -1.77
CA ASP A 220 -19.61 -2.87 -1.18
C ASP A 220 -20.29 -3.79 -0.18
N HIS A 221 -19.68 -4.95 0.08
CA HIS A 221 -20.22 -5.92 1.02
C HIS A 221 -20.15 -5.40 2.46
N ILE A 222 -19.35 -4.36 2.67
CA ILE A 222 -19.21 -3.73 3.98
C ILE A 222 -19.44 -2.23 3.70
N SER A 223 -20.33 -1.61 4.46
CA SER A 223 -20.62 -0.20 4.25
C SER A 223 -19.38 0.66 4.45
N LYS A 224 -19.39 1.82 3.82
CA LYS A 224 -18.27 2.75 3.92
C LYS A 224 -18.09 3.11 5.39
N GLU A 225 -19.20 3.31 6.11
CA GLU A 225 -19.09 3.68 7.51
C GLU A 225 -18.53 2.58 8.39
N LEU A 226 -18.89 1.32 8.14
CA LEU A 226 -18.35 0.24 8.97
C LEU A 226 -16.86 0.08 8.67
N LYS A 227 -16.47 0.29 7.42
CA LYS A 227 -15.05 0.19 7.11
C LYS A 227 -14.30 1.25 7.93
N ASN A 228 -14.91 2.43 8.09
CA ASN A 228 -14.28 3.49 8.90
C ASN A 228 -14.08 3.01 10.33
N VAL A 229 -15.09 2.34 10.87
CA VAL A 229 -15.02 1.82 12.21
C VAL A 229 -13.95 0.73 12.34
N LEU A 230 -13.89 -0.19 11.37
CA LEU A 230 -12.89 -1.25 11.42
C LEU A 230 -11.47 -0.67 11.42
N ILE A 231 -11.25 0.38 10.62
CA ILE A 231 -9.94 1.00 10.56
C ILE A 231 -9.59 1.60 11.91
N TYR A 233 -10.61 0.84 15.01
CA TYR A 233 -10.24 -0.14 16.02
C TYR A 233 -8.96 -0.89 15.66
N TYR A 234 -8.74 -1.15 14.38
CA TYR A 234 -7.54 -1.83 13.93
C TYR A 234 -6.31 -1.01 14.36
N LEU A 235 -6.40 0.30 14.16
CA LEU A 235 -5.31 1.22 14.50
C LEU A 235 -5.29 1.59 15.98
N GLN A 236 -6.19 1.00 16.75
CA GLN A 236 -6.28 1.23 18.18
C GLN A 236 -6.59 2.67 18.58
N TYR A 237 -7.67 3.20 18.02
CA TYR A 237 -8.16 4.53 18.37
C TYR A 237 -9.62 4.29 18.72
N PRO A 238 -9.86 3.47 19.76
CA PRO A 238 -11.24 3.17 20.18
C PRO A 238 -12.00 4.43 20.57
N PHE A 239 -13.02 4.77 19.81
CA PHE A 239 -13.81 5.95 20.12
C PHE A 239 -15.27 5.73 19.78
N GLU A 240 -15.99 5.17 20.76
CA GLU A 240 -17.42 4.85 20.66
C GLU A 240 -18.31 5.84 19.94
N PRO A 241 -18.15 7.14 20.20
CA PRO A 241 -18.99 8.14 19.52
C PRO A 241 -18.94 8.07 18.00
N PHE A 242 -17.89 7.44 17.46
CA PHE A 242 -17.71 7.29 16.02
C PHE A 242 -18.18 5.91 15.53
N PHE A 243 -18.82 5.16 16.43
CA PHE A 243 -19.34 3.80 16.13
C PHE A 243 -20.86 3.87 16.21
N PRO A 244 -21.53 4.30 15.13
CA PRO A 244 -22.99 4.40 15.11
C PRO A 244 -23.75 3.08 15.25
N GLU A 245 -24.98 3.18 15.74
CA GLU A 245 -25.82 2.01 15.95
C GLU A 245 -26.02 1.25 14.64
N SER A 246 -26.16 1.99 13.54
CA SER A 246 -26.35 1.34 12.24
C SER A 246 -25.20 0.39 11.97
N CYS A 247 -23.98 0.75 12.38
CA CYS A 247 -22.82 -0.10 12.15
C CYS A 247 -22.79 -1.32 13.07
N LYS A 248 -23.33 -1.17 14.27
CA LYS A 248 -23.36 -2.29 15.19
C LYS A 248 -24.35 -3.30 14.61
N ILE A 249 -25.45 -2.79 14.05
CA ILE A 249 -26.45 -3.64 13.43
C ILE A 249 -25.81 -4.40 12.26
N GLU A 250 -25.00 -3.70 11.47
CA GLU A 250 -24.33 -4.33 10.33
C GLU A 250 -23.33 -5.39 10.78
N CYS A 251 -22.63 -5.16 11.89
CA CYS A 251 -21.67 -6.14 12.40
C CYS A 251 -22.37 -7.47 12.69
N GLN A 252 -23.51 -7.39 13.37
CA GLN A 252 -24.26 -8.59 13.71
C GLN A 252 -24.70 -9.33 12.46
N LYS A 253 -25.16 -8.57 11.45
CA LYS A 253 -25.59 -9.17 10.20
C LYS A 253 -24.42 -9.87 9.52
N LEU A 254 -23.25 -9.24 9.57
CA LEU A 254 -22.05 -9.79 8.92
C LEU A 254 -21.28 -10.83 9.72
N GLY A 255 -21.66 -11.05 10.97
CA GLY A 255 -20.94 -12.03 11.77
C GLY A 255 -19.65 -11.47 12.35
N ILE A 256 -19.57 -10.14 12.47
CA ILE A 256 -18.40 -9.51 13.06
C ILE A 256 -18.66 -9.34 14.56
N ASP A 257 -17.89 -10.04 15.37
CA ASP A 257 -18.03 -10.00 16.81
C ASP A 257 -17.70 -8.59 17.33
N ILE A 258 -18.70 -7.87 17.82
CA ILE A 258 -18.50 -6.51 18.31
C ILE A 258 -17.58 -6.37 19.53
N GLU A 259 -17.61 -7.36 20.42
CA GLU A 259 -16.75 -7.29 21.61
C GLU A 259 -15.27 -7.46 21.25
N LEU A 261 -14.07 -6.79 18.45
CA LEU A 261 -13.75 -5.63 17.63
C LEU A 261 -13.30 -4.47 18.52
N LYS A 262 -14.06 -4.22 19.60
CA LYS A 262 -13.76 -3.13 20.52
C LYS A 262 -12.45 -3.28 21.27
N SER A 263 -11.94 -4.50 21.35
CA SER A 263 -10.68 -4.73 22.04
C SER A 263 -9.62 -5.28 21.09
N PHE A 264 -9.88 -5.18 19.79
CA PHE A 264 -8.95 -5.70 18.80
C PHE A 264 -7.51 -5.25 19.06
N ASN A 265 -6.59 -6.21 19.10
CA ASN A 265 -5.18 -5.93 19.34
C ASN A 265 -4.40 -6.50 18.16
N VAL A 266 -4.00 -5.64 17.24
CA VAL A 266 -3.29 -6.07 16.04
C VAL A 266 -2.07 -6.94 16.32
N GLU A 267 -1.48 -6.81 17.49
CA GLU A 267 -0.31 -7.60 17.85
C GLU A 267 -0.67 -9.02 18.29
N LYS A 268 -1.96 -9.28 18.53
CA LYS A 268 -2.38 -10.59 18.99
C LYS A 268 -3.54 -11.22 18.23
N ASP A 269 -4.42 -10.40 17.66
CA ASP A 269 -5.59 -10.93 16.98
C ASP A 269 -5.51 -10.99 15.47
N ALA A 270 -6.19 -11.97 14.89
CA ALA A 270 -6.21 -12.18 13.44
C ALA A 270 -7.16 -11.18 12.78
N ILE A 271 -6.75 -10.66 11.62
CA ILE A 271 -7.59 -9.71 10.91
C ILE A 271 -8.89 -10.36 10.45
N GLU A 272 -8.90 -11.70 10.44
CA GLU A 272 -10.11 -12.41 10.03
C GLU A 272 -11.27 -12.09 10.96
N LEU A 273 -10.96 -11.71 12.20
CA LEU A 273 -12.00 -11.36 13.16
C LEU A 273 -12.76 -10.14 12.66
N LEU A 274 -12.01 -9.19 12.12
CA LEU A 274 -12.57 -7.94 11.60
C LEU A 274 -13.28 -8.11 10.26
N ILE A 275 -12.74 -8.96 9.40
CA ILE A 275 -13.33 -9.20 8.10
C ILE A 275 -13.40 -10.69 7.80
N PRO A 276 -14.48 -11.36 8.25
CA PRO A 276 -14.64 -12.79 8.01
C PRO A 276 -14.59 -13.08 6.52
N ARG A 277 -13.80 -14.07 6.13
CA ARG A 277 -13.67 -14.43 4.72
C ARG A 277 -15.00 -14.68 4.04
N ARG A 278 -16.05 -14.94 4.83
CA ARG A 278 -17.38 -15.18 4.28
C ARG A 278 -17.74 -13.98 3.40
N ILE A 279 -17.18 -12.82 3.72
CA ILE A 279 -17.41 -11.60 2.97
C ILE A 279 -16.44 -11.50 1.79
#